data_1VAV
#
_entry.id   1VAV
#
_cell.length_a   43.359
_cell.length_b   70.219
_cell.length_c   67.299
_cell.angle_alpha   90.00
_cell.angle_beta   94.77
_cell.angle_gamma   90.00
#
_symmetry.space_group_name_H-M   'P 1 21 1'
#
loop_
_entity.id
_entity.type
_entity.pdbx_description
1 polymer 'Alginate lyase PA1167'
2 water water
#
_entity_poly.entity_id   1
_entity_poly.type   'polypeptide(L)'
_entity_poly.pdbx_seq_one_letter_code
;PDLSTWNLTIPQGRPAITISTSQLQRDYRSDYFQRTADGIRFWVPVNGSHTRNSEFPRSELRETLSSGRPYNWRYARADN
WLEATLRIEAVPSTRRMIIGQIHSDGSNSGQAAPLVKLLYQLRLDQGRVQALVRERPDDGGTRAYTLMDGIPLGQPFSYR
IGVSRSGLLSVSVNGSALEQQLDPQWAYQGLYFKAGLYLQDNRGPSSEGGRATFSELRVSHQ
;
_entity_poly.pdbx_strand_id   A,B
#
# COMPACT_ATOMS: atom_id res chain seq x y z
N PRO A 1 5.15 14.68 -8.03
CA PRO A 1 4.18 14.17 -9.03
C PRO A 1 4.11 15.04 -10.27
N ASP A 2 3.80 14.40 -11.40
CA ASP A 2 3.69 15.11 -12.67
C ASP A 2 2.38 15.87 -12.71
N LEU A 3 2.47 17.19 -12.82
CA LEU A 3 1.28 18.03 -12.87
C LEU A 3 0.90 18.41 -14.30
N SER A 4 1.60 17.84 -15.27
CA SER A 4 1.34 18.13 -16.69
C SER A 4 -0.08 17.87 -17.14
N THR A 5 -0.72 16.89 -16.51
CA THR A 5 -2.07 16.53 -16.90
C THR A 5 -3.19 16.95 -15.95
N TRP A 6 -2.99 18.07 -15.25
CA TRP A 6 -4.00 18.57 -14.33
C TRP A 6 -4.12 20.09 -14.34
N ASN A 7 -5.29 20.60 -13.94
CA ASN A 7 -5.43 22.03 -13.72
C ASN A 7 -5.93 22.00 -12.28
N LEU A 8 -6.04 23.14 -11.62
CA LEU A 8 -6.42 23.13 -10.22
C LEU A 8 -7.45 24.17 -9.81
N THR A 9 -8.47 23.76 -9.07
CA THR A 9 -9.47 24.71 -8.60
C THR A 9 -9.12 24.95 -7.13
N ILE A 10 -9.03 26.23 -6.75
CA ILE A 10 -8.70 26.58 -5.38
C ILE A 10 -9.87 27.16 -4.61
N PRO A 11 -9.71 27.35 -3.30
CA PRO A 11 -10.79 27.89 -2.48
C PRO A 11 -10.71 29.41 -2.26
N GLN A 12 -10.26 30.13 -3.28
CA GLN A 12 -10.19 31.59 -3.21
C GLN A 12 -10.77 32.15 -4.51
N GLY A 13 -11.37 33.33 -4.41
CA GLY A 13 -11.97 33.96 -5.57
C GLY A 13 -13.46 33.73 -5.52
N ARG A 14 -14.25 34.66 -6.06
CA ARG A 14 -15.70 34.52 -6.06
C ARG A 14 -16.29 34.80 -7.44
N PRO A 15 -16.71 33.74 -8.15
CA PRO A 15 -16.63 32.35 -7.70
C PRO A 15 -15.18 31.82 -7.66
N ALA A 16 -15.02 30.61 -7.15
CA ALA A 16 -13.72 29.97 -7.03
C ALA A 16 -12.93 29.97 -8.34
N ILE A 17 -11.64 30.28 -8.23
CA ILE A 17 -10.76 30.34 -9.39
C ILE A 17 -10.20 28.99 -9.78
N THR A 18 -10.05 28.78 -11.08
CA THR A 18 -9.44 27.57 -11.56
C THR A 18 -8.09 27.97 -12.13
N ILE A 19 -7.03 27.42 -11.56
N ILE A 19 -7.03 27.42 -11.54
CA ILE A 19 -5.67 27.69 -11.99
CA ILE A 19 -5.66 27.69 -11.98
C ILE A 19 -5.40 26.80 -13.19
C ILE A 19 -5.39 26.80 -13.18
N SER A 20 -5.05 27.40 -14.32
CA SER A 20 -4.79 26.63 -15.55
C SER A 20 -3.62 25.65 -15.42
N THR A 21 -3.59 24.67 -16.33
CA THR A 21 -2.52 23.67 -16.35
C THR A 21 -1.20 24.40 -16.51
N SER A 22 -1.19 25.38 -17.41
CA SER A 22 0.00 26.19 -17.66
C SER A 22 0.50 26.86 -16.38
N GLN A 23 -0.39 27.58 -15.71
CA GLN A 23 -0.04 28.27 -14.47
C GLN A 23 0.48 27.28 -13.44
N LEU A 24 -0.11 26.09 -13.44
CA LEU A 24 0.27 25.04 -12.51
C LEU A 24 1.70 24.58 -12.79
N GLN A 25 2.04 24.47 -14.06
CA GLN A 25 3.39 24.03 -14.46
C GLN A 25 4.46 25.06 -14.08
N ARG A 26 4.09 26.34 -14.11
CA ARG A 26 5.04 27.39 -13.78
C ARG A 26 5.28 27.43 -12.27
N ASP A 27 5.41 26.25 -11.69
CA ASP A 27 5.68 26.12 -10.27
C ASP A 27 4.75 26.97 -9.39
N TYR A 28 3.45 26.86 -9.64
CA TYR A 28 2.48 27.60 -8.84
C TYR A 28 2.52 27.13 -7.39
N ARG A 29 2.43 28.08 -6.47
CA ARG A 29 2.47 27.79 -5.04
C ARG A 29 1.62 28.80 -4.25
N SER A 30 0.86 28.29 -3.30
CA SER A 30 0.01 29.14 -2.45
C SER A 30 -0.31 28.34 -1.19
N ASP A 31 -1.05 28.96 -0.27
CA ASP A 31 -1.44 28.29 0.96
C ASP A 31 -2.26 27.04 0.65
N TYR A 32 -2.96 27.06 -0.48
CA TYR A 32 -3.83 25.95 -0.87
C TYR A 32 -3.18 24.78 -1.60
N PHE A 33 -2.01 25.01 -2.18
CA PHE A 33 -1.35 23.96 -2.95
C PHE A 33 0.15 24.21 -3.01
N GLN A 34 0.93 23.28 -2.47
CA GLN A 34 2.38 23.43 -2.47
C GLN A 34 3.16 22.17 -2.80
N ARG A 35 4.18 22.33 -3.64
CA ARG A 35 5.07 21.23 -3.97
C ARG A 35 6.05 21.24 -2.82
N THR A 36 6.10 20.14 -2.06
CA THR A 36 7.01 20.03 -0.92
C THR A 36 7.99 18.89 -1.12
N ALA A 37 8.80 18.63 -0.10
CA ALA A 37 9.78 17.55 -0.18
C ALA A 37 9.03 16.22 -0.05
N ASP A 38 7.82 16.27 0.50
CA ASP A 38 7.01 15.08 0.69
C ASP A 38 5.98 14.89 -0.42
N GLY A 39 5.94 15.82 -1.37
CA GLY A 39 4.98 15.71 -2.46
C GLY A 39 4.17 16.98 -2.62
N ILE A 40 2.87 16.81 -2.82
N ILE A 40 2.88 16.83 -2.88
CA ILE A 40 1.97 17.95 -2.98
CA ILE A 40 2.01 17.99 -3.05
C ILE A 40 1.11 18.13 -1.74
C ILE A 40 1.07 18.16 -1.86
N ARG A 41 1.15 19.34 -1.16
N ARG A 41 1.17 19.32 -1.22
CA ARG A 41 0.38 19.63 0.04
CA ARG A 41 0.38 19.66 -0.04
C ARG A 41 -0.86 20.47 -0.28
C ARG A 41 -0.88 20.45 -0.37
N PHE A 42 -2.04 19.90 -0.01
CA PHE A 42 -3.32 20.56 -0.25
C PHE A 42 -3.84 21.10 1.07
N TRP A 43 -4.51 22.24 1.01
CA TRP A 43 -5.11 22.88 2.19
C TRP A 43 -6.37 23.61 1.75
N VAL A 44 -7.49 23.33 2.43
N VAL A 44 -7.48 23.33 2.44
CA VAL A 44 -8.75 23.98 2.12
CA VAL A 44 -8.75 23.96 2.13
C VAL A 44 -9.44 24.48 3.39
C VAL A 44 -9.44 24.49 3.40
N PRO A 45 -9.47 25.81 3.57
CA PRO A 45 -10.12 26.38 4.76
C PRO A 45 -11.61 26.12 4.60
N VAL A 46 -12.27 25.68 5.67
CA VAL A 46 -13.70 25.37 5.58
C VAL A 46 -14.56 26.54 5.12
N ASN A 47 -14.08 27.77 5.31
CA ASN A 47 -14.85 28.92 4.89
C ASN A 47 -14.31 29.50 3.57
N GLY A 48 -13.64 28.64 2.80
CA GLY A 48 -13.09 29.06 1.53
C GLY A 48 -14.19 29.24 0.50
N SER A 49 -13.87 29.80 -0.66
CA SER A 49 -14.88 30.03 -1.69
C SER A 49 -15.29 28.75 -2.43
N HIS A 50 -16.46 28.80 -3.06
CA HIS A 50 -17.00 27.64 -3.79
C HIS A 50 -17.11 27.89 -5.27
N THR A 51 -17.15 26.80 -6.05
CA THR A 51 -17.32 26.90 -7.48
C THR A 51 -18.77 27.32 -7.68
N ARG A 52 -19.11 27.78 -8.88
CA ARG A 52 -20.46 28.24 -9.17
C ARG A 52 -21.57 27.25 -8.88
N ASN A 53 -21.33 25.95 -9.06
CA ASN A 53 -22.38 24.95 -8.82
C ASN A 53 -22.21 24.11 -7.55
N SER A 54 -21.32 24.53 -6.66
CA SER A 54 -21.10 23.77 -5.44
C SER A 54 -21.19 24.67 -4.22
N GLU A 55 -21.50 24.06 -3.07
CA GLU A 55 -21.63 24.80 -1.83
C GLU A 55 -20.43 24.60 -0.91
N PHE A 56 -19.46 23.81 -1.35
CA PHE A 56 -18.28 23.55 -0.53
C PHE A 56 -16.98 23.92 -1.23
N PRO A 57 -15.98 24.37 -0.45
CA PRO A 57 -14.68 24.77 -0.97
C PRO A 57 -13.83 23.57 -1.32
N ARG A 58 -12.82 23.79 -2.15
CA ARG A 58 -11.93 22.71 -2.54
C ARG A 58 -10.60 23.23 -3.07
N SER A 59 -9.61 22.35 -3.04
CA SER A 59 -8.28 22.60 -3.57
C SER A 59 -8.16 21.21 -4.18
N GLU A 60 -8.59 21.12 -5.44
CA GLU A 60 -8.65 19.83 -6.10
C GLU A 60 -8.23 19.88 -7.57
N LEU A 61 -7.46 18.89 -7.98
CA LEU A 61 -6.98 18.79 -9.36
C LEU A 61 -8.04 18.14 -10.24
N ARG A 62 -8.14 18.60 -11.49
CA ARG A 62 -9.08 18.04 -12.46
C ARG A 62 -8.25 17.69 -13.69
N GLU A 63 -8.49 16.48 -14.22
CA GLU A 63 -7.75 15.97 -15.37
C GLU A 63 -7.87 16.80 -16.65
N THR A 64 -6.74 17.07 -17.28
CA THR A 64 -6.69 17.86 -18.51
C THR A 64 -5.60 17.37 -19.46
N LEU A 65 -5.62 17.88 -20.69
CA LEU A 65 -4.60 17.56 -21.66
C LEU A 65 -3.44 18.48 -21.27
N SER A 66 -2.23 18.17 -21.73
CA SER A 66 -1.08 19.01 -21.40
C SER A 66 -1.33 20.45 -21.84
N SER A 67 -2.30 20.64 -22.72
CA SER A 67 -2.65 21.96 -23.23
C SER A 67 -3.52 22.76 -22.24
N GLY A 68 -3.96 22.10 -21.17
CA GLY A 68 -4.81 22.78 -20.20
C GLY A 68 -6.28 22.56 -20.48
N ARG A 69 -6.57 21.99 -21.64
CA ARG A 69 -7.94 21.71 -22.02
C ARG A 69 -8.46 20.52 -21.22
N PRO A 70 -9.69 20.61 -20.69
CA PRO A 70 -10.26 19.51 -19.90
C PRO A 70 -10.26 18.18 -20.68
N TYR A 71 -9.83 17.12 -20.02
CA TYR A 71 -9.76 15.80 -20.66
C TYR A 71 -10.84 14.86 -20.14
N ASN A 72 -11.77 14.50 -21.04
CA ASN A 72 -12.88 13.60 -20.70
C ASN A 72 -12.74 12.39 -21.61
N TRP A 73 -12.60 11.21 -21.02
CA TRP A 73 -12.42 9.99 -21.79
C TRP A 73 -13.50 8.93 -21.61
N ARG A 74 -13.64 8.08 -22.63
CA ARG A 74 -14.59 6.97 -22.55
C ARG A 74 -13.67 5.80 -22.20
N TYR A 75 -14.08 4.98 -21.25
CA TYR A 75 -13.23 3.88 -20.80
C TYR A 75 -12.77 2.86 -21.84
N ALA A 76 -13.55 2.65 -22.89
CA ALA A 76 -13.21 1.66 -23.91
C ALA A 76 -11.91 1.91 -24.66
N ARG A 77 -11.46 3.16 -24.66
CA ARG A 77 -10.24 3.52 -25.38
C ARG A 77 -8.94 2.99 -24.77
N ALA A 78 -8.98 2.60 -23.50
CA ALA A 78 -7.78 2.06 -22.85
C ALA A 78 -8.04 1.70 -21.40
N ASP A 79 -7.01 1.19 -20.73
CA ASP A 79 -7.11 0.85 -19.31
C ASP A 79 -6.79 2.16 -18.59
N ASN A 80 -7.77 2.65 -17.83
CA ASN A 80 -7.63 3.93 -17.14
C ASN A 80 -7.38 3.78 -15.64
N TRP A 81 -6.32 4.40 -15.15
CA TRP A 81 -5.95 4.31 -13.75
C TRP A 81 -5.48 5.61 -13.11
N LEU A 82 -5.88 5.80 -11.86
CA LEU A 82 -5.49 6.94 -11.04
C LEU A 82 -4.88 6.22 -9.84
N GLU A 83 -3.66 6.57 -9.48
CA GLU A 83 -2.98 5.94 -8.36
C GLU A 83 -2.40 7.01 -7.44
N ALA A 84 -2.62 6.84 -6.14
CA ALA A 84 -2.13 7.83 -5.18
C ALA A 84 -1.70 7.27 -3.83
N THR A 85 -0.83 8.02 -3.17
CA THR A 85 -0.35 7.70 -1.83
C THR A 85 -0.45 9.04 -1.11
N LEU A 86 -1.09 9.04 0.05
CA LEU A 86 -1.29 10.28 0.79
C LEU A 86 -1.44 10.05 2.28
N ARG A 87 -1.49 11.15 3.03
CA ARG A 87 -1.68 11.13 4.47
C ARG A 87 -2.62 12.31 4.74
N ILE A 88 -3.57 12.12 5.66
CA ILE A 88 -4.49 13.20 6.01
C ILE A 88 -3.87 13.92 7.21
N GLU A 89 -3.74 15.24 7.12
CA GLU A 89 -3.11 16.01 8.19
C GLU A 89 -4.11 16.77 9.04
N ALA A 90 -5.25 17.11 8.45
CA ALA A 90 -6.28 17.83 9.18
C ALA A 90 -7.64 17.66 8.50
N VAL A 91 -8.70 17.69 9.29
CA VAL A 91 -10.06 17.58 8.77
C VAL A 91 -10.95 18.63 9.43
N PRO A 92 -12.09 18.95 8.79
CA PRO A 92 -13.06 19.94 9.30
C PRO A 92 -13.93 19.36 10.41
N SER A 93 -14.82 20.17 10.96
CA SER A 93 -15.70 19.73 12.05
C SER A 93 -16.48 18.47 11.69
N THR A 94 -16.99 18.39 10.47
CA THR A 94 -17.76 17.23 10.02
C THR A 94 -16.85 16.00 9.90
N ARG A 95 -15.55 16.23 9.87
CA ARG A 95 -14.55 15.18 9.81
C ARG A 95 -14.56 14.30 8.56
N ARG A 96 -15.07 14.83 7.45
CA ARG A 96 -15.07 14.05 6.21
C ARG A 96 -14.74 14.90 5.00
N MET A 97 -14.08 14.30 4.02
CA MET A 97 -13.73 15.00 2.80
C MET A 97 -13.39 14.06 1.65
N ILE A 98 -13.68 14.52 0.43
CA ILE A 98 -13.45 13.76 -0.78
C ILE A 98 -11.97 13.88 -1.17
N ILE A 99 -11.30 12.75 -1.34
CA ILE A 99 -9.87 12.75 -1.66
C ILE A 99 -9.54 12.29 -3.08
N GLY A 100 -10.56 11.84 -3.80
CA GLY A 100 -10.35 11.39 -5.16
C GLY A 100 -11.70 11.07 -5.79
N GLN A 101 -11.76 11.14 -7.12
CA GLN A 101 -12.98 10.84 -7.83
C GLN A 101 -12.78 10.51 -9.30
N ILE A 102 -13.78 9.84 -9.85
CA ILE A 102 -13.86 9.59 -11.27
C ILE A 102 -15.20 10.30 -11.46
N HIS A 103 -15.16 11.43 -12.16
CA HIS A 103 -16.34 12.22 -12.38
C HIS A 103 -16.82 12.09 -13.83
N SER A 104 -18.08 12.37 -14.06
CA SER A 104 -18.66 12.29 -15.39
C SER A 104 -18.80 13.71 -15.95
N ASP A 105 -18.64 13.88 -17.25
CA ASP A 105 -18.77 15.21 -17.83
C ASP A 105 -20.23 15.50 -18.16
N GLY A 106 -21.05 14.47 -18.07
CA GLY A 106 -22.47 14.62 -18.34
C GLY A 106 -22.82 14.97 -19.78
N SER A 107 -21.95 14.57 -20.70
CA SER A 107 -22.18 14.85 -22.13
C SER A 107 -23.35 14.05 -22.71
N ASN A 108 -23.58 12.85 -22.20
CA ASN A 108 -24.66 12.01 -22.68
C ASN A 108 -25.58 11.55 -21.55
N SER A 109 -25.87 12.47 -20.65
CA SER A 109 -26.76 12.19 -19.52
C SER A 109 -27.36 13.51 -19.08
N GLY A 110 -28.35 13.45 -18.21
CA GLY A 110 -28.97 14.68 -17.75
C GLY A 110 -28.10 15.45 -16.79
N GLN A 111 -27.21 14.75 -16.10
CA GLN A 111 -26.34 15.41 -15.12
C GLN A 111 -24.87 15.04 -15.27
N ALA A 112 -24.02 15.86 -14.66
CA ALA A 112 -22.59 15.64 -14.63
C ALA A 112 -22.38 15.28 -13.18
N ALA A 113 -22.22 13.99 -12.89
CA ALA A 113 -22.04 13.54 -11.52
C ALA A 113 -20.89 12.56 -11.42
N PRO A 114 -20.37 12.36 -10.20
CA PRO A 114 -19.26 11.42 -10.07
C PRO A 114 -19.70 9.96 -10.17
N LEU A 115 -18.87 9.16 -10.82
CA LEU A 115 -19.12 7.74 -10.93
C LEU A 115 -18.69 7.16 -9.58
N VAL A 116 -17.60 7.69 -9.05
CA VAL A 116 -17.09 7.25 -7.76
C VAL A 116 -16.37 8.39 -7.03
N LYS A 117 -16.59 8.46 -5.73
CA LYS A 117 -15.95 9.46 -4.87
C LYS A 117 -15.32 8.69 -3.72
N LEU A 118 -14.05 8.98 -3.41
CA LEU A 118 -13.37 8.34 -2.30
C LEU A 118 -13.51 9.31 -1.14
N LEU A 119 -14.09 8.84 -0.04
CA LEU A 119 -14.30 9.70 1.08
C LEU A 119 -13.56 9.27 2.35
N TYR A 120 -12.81 10.20 2.92
CA TYR A 120 -12.06 9.93 4.13
C TYR A 120 -12.86 10.52 5.27
N GLN A 121 -13.12 9.70 6.28
CA GLN A 121 -13.88 10.13 7.44
C GLN A 121 -13.12 9.77 8.71
N LEU A 122 -12.83 10.78 9.53
CA LEU A 122 -12.13 10.56 10.78
C LEU A 122 -13.12 10.39 11.92
N ARG A 123 -13.27 9.17 12.41
CA ARG A 123 -14.18 8.89 13.52
C ARG A 123 -13.33 8.76 14.77
N LEU A 124 -13.37 9.80 15.61
CA LEU A 124 -12.57 9.85 16.82
C LEU A 124 -11.12 9.96 16.35
N ASP A 125 -10.31 8.94 16.60
CA ASP A 125 -8.91 8.98 16.19
C ASP A 125 -8.57 8.07 15.01
N GLN A 126 -9.56 7.37 14.48
CA GLN A 126 -9.31 6.46 13.36
C GLN A 126 -10.07 6.85 12.10
N GLY A 127 -9.35 6.97 10.99
CA GLY A 127 -9.99 7.35 9.74
C GLY A 127 -10.29 6.15 8.86
N ARG A 128 -11.43 6.21 8.17
CA ARG A 128 -11.80 5.15 7.26
C ARG A 128 -12.00 5.78 5.89
N VAL A 129 -11.82 4.99 4.84
CA VAL A 129 -12.02 5.51 3.50
C VAL A 129 -13.15 4.73 2.85
N GLN A 130 -14.17 5.44 2.38
CA GLN A 130 -15.33 4.83 1.72
C GLN A 130 -15.39 5.21 0.26
N ALA A 131 -15.83 4.26 -0.56
CA ALA A 131 -16.02 4.50 -1.97
C ALA A 131 -17.53 4.65 -2.17
N LEU A 132 -17.97 5.82 -2.65
CA LEU A 132 -19.38 6.07 -2.93
C LEU A 132 -19.50 5.91 -4.43
N VAL A 133 -20.17 4.85 -4.86
N VAL A 133 -20.18 4.85 -4.84
CA VAL A 133 -20.32 4.58 -6.28
CA VAL A 133 -20.35 4.51 -6.25
C VAL A 133 -21.78 4.66 -6.71
C VAL A 133 -21.80 4.64 -6.71
N ARG A 134 -22.02 5.25 -7.87
CA ARG A 134 -23.39 5.35 -8.38
C ARG A 134 -23.48 4.37 -9.54
N GLU A 135 -24.51 3.53 -9.51
CA GLU A 135 -24.69 2.49 -10.52
C GLU A 135 -24.94 3.01 -11.94
N ARG A 136 -25.75 4.05 -12.08
CA ARG A 136 -26.04 4.61 -13.40
C ARG A 136 -25.85 6.13 -13.38
N PRO A 137 -25.35 6.71 -14.49
CA PRO A 137 -25.10 8.15 -14.62
C PRO A 137 -26.15 9.14 -14.13
N ASP A 138 -27.43 8.82 -14.32
CA ASP A 138 -28.49 9.73 -13.88
C ASP A 138 -29.06 9.41 -12.51
N ASP A 139 -28.49 8.42 -11.83
CA ASP A 139 -28.96 8.05 -10.50
C ASP A 139 -28.83 9.23 -9.56
N GLY A 140 -29.79 9.37 -8.65
CA GLY A 140 -29.75 10.48 -7.71
C GLY A 140 -28.85 10.22 -6.52
N GLY A 141 -28.53 8.96 -6.30
CA GLY A 141 -27.67 8.62 -5.17
C GLY A 141 -26.57 7.64 -5.49
N THR A 142 -25.79 7.32 -4.47
CA THR A 142 -24.68 6.38 -4.58
C THR A 142 -24.76 5.34 -3.47
N ARG A 143 -23.90 4.32 -3.56
CA ARG A 143 -23.81 3.27 -2.55
C ARG A 143 -22.42 3.38 -1.94
N ALA A 144 -22.34 3.35 -0.60
CA ALA A 144 -21.06 3.46 0.09
C ALA A 144 -20.44 2.13 0.50
N TYR A 145 -19.16 1.98 0.23
CA TYR A 145 -18.43 0.76 0.59
C TYR A 145 -17.21 1.16 1.38
N THR A 146 -17.00 0.56 2.54
CA THR A 146 -15.82 0.90 3.33
C THR A 146 -14.69 0.00 2.85
N LEU A 147 -13.65 0.61 2.30
CA LEU A 147 -12.51 -0.13 1.77
C LEU A 147 -11.43 -0.35 2.81
N MET A 148 -11.32 0.59 3.74
CA MET A 148 -10.29 0.50 4.76
C MET A 148 -10.61 1.40 5.96
N ASP A 149 -10.22 0.95 7.14
CA ASP A 149 -10.44 1.72 8.36
C ASP A 149 -9.13 1.73 9.14
N GLY A 150 -9.13 2.37 10.30
CA GLY A 150 -7.93 2.42 11.11
C GLY A 150 -6.78 3.23 10.57
N ILE A 151 -7.09 4.29 9.82
CA ILE A 151 -6.07 5.16 9.27
C ILE A 151 -6.10 6.46 10.04
N PRO A 152 -5.19 6.62 11.00
CA PRO A 152 -5.16 7.86 11.79
C PRO A 152 -4.52 9.01 11.02
N LEU A 153 -4.64 10.23 11.56
CA LEU A 153 -4.03 11.38 10.93
C LEU A 153 -2.53 11.17 10.84
N GLY A 154 -1.94 11.56 9.71
CA GLY A 154 -0.50 11.40 9.53
C GLY A 154 -0.09 10.08 8.90
N GLN A 155 -0.92 9.05 9.05
CA GLN A 155 -0.58 7.73 8.50
C GLN A 155 -0.82 7.64 7.00
N PRO A 156 0.25 7.37 6.23
CA PRO A 156 0.05 7.28 4.79
C PRO A 156 -0.76 6.07 4.34
N PHE A 157 -1.53 6.24 3.29
CA PHE A 157 -2.29 5.15 2.74
C PHE A 157 -2.34 5.37 1.25
N SER A 158 -2.63 4.31 0.52
CA SER A 158 -2.68 4.40 -0.93
C SER A 158 -4.09 4.14 -1.42
N TYR A 159 -4.36 4.58 -2.63
CA TYR A 159 -5.66 4.29 -3.22
C TYR A 159 -5.49 4.25 -4.72
N ARG A 160 -6.35 3.48 -5.36
CA ARG A 160 -6.31 3.36 -6.81
C ARG A 160 -7.74 3.29 -7.29
N ILE A 161 -8.02 4.04 -8.34
CA ILE A 161 -9.35 4.03 -8.93
C ILE A 161 -9.13 3.85 -10.41
N GLY A 162 -9.89 2.97 -11.02
CA GLY A 162 -9.71 2.77 -12.44
C GLY A 162 -10.86 2.06 -13.10
N VAL A 163 -10.84 2.07 -14.43
N VAL A 163 -10.84 2.07 -14.43
CA VAL A 163 -11.86 1.40 -15.22
CA VAL A 163 -11.87 1.40 -15.23
C VAL A 163 -11.14 0.74 -16.39
C VAL A 163 -11.15 0.75 -16.39
N SER A 164 -11.25 -0.58 -16.48
CA SER A 164 -10.61 -1.33 -17.56
C SER A 164 -11.24 -0.96 -18.90
N ARG A 165 -10.58 -1.31 -19.99
CA ARG A 165 -11.13 -0.98 -21.30
C ARG A 165 -12.41 -1.77 -21.55
N SER A 166 -12.64 -2.81 -20.75
CA SER A 166 -13.85 -3.61 -20.90
C SER A 166 -14.97 -3.13 -19.99
N GLY A 167 -14.71 -2.09 -19.20
CA GLY A 167 -15.73 -1.54 -18.33
C GLY A 167 -15.76 -1.99 -16.89
N LEU A 168 -14.69 -2.66 -16.45
CA LEU A 168 -14.63 -3.12 -15.08
C LEU A 168 -14.15 -1.99 -14.17
N LEU A 169 -15.00 -1.54 -13.27
CA LEU A 169 -14.63 -0.50 -12.31
C LEU A 169 -13.88 -1.16 -11.17
N SER A 170 -12.75 -0.56 -10.81
N SER A 170 -12.75 -0.57 -10.77
CA SER A 170 -11.92 -1.06 -9.71
CA SER A 170 -11.96 -1.11 -9.68
C SER A 170 -11.58 0.11 -8.79
C SER A 170 -11.45 -0.01 -8.76
N VAL A 171 -11.81 -0.09 -7.49
N VAL A 171 -11.90 -0.02 -7.51
CA VAL A 171 -11.53 0.95 -6.51
CA VAL A 171 -11.48 0.98 -6.54
C VAL A 171 -10.92 0.28 -5.28
C VAL A 171 -10.91 0.29 -5.32
N SER A 172 -9.81 0.83 -4.80
CA SER A 172 -9.16 0.24 -3.64
C SER A 172 -8.34 1.20 -2.80
N VAL A 173 -8.11 0.79 -1.56
CA VAL A 173 -7.32 1.54 -0.60
C VAL A 173 -6.42 0.53 0.08
N ASN A 174 -5.12 0.82 0.12
CA ASN A 174 -4.15 -0.09 0.71
C ASN A 174 -4.28 -1.49 0.09
N GLY A 175 -4.82 -1.55 -1.12
CA GLY A 175 -4.98 -2.84 -1.78
C GLY A 175 -6.35 -3.48 -1.60
N SER A 176 -7.06 -3.06 -0.56
CA SER A 176 -8.41 -3.59 -0.28
C SER A 176 -9.32 -3.03 -1.36
N ALA A 177 -9.92 -3.91 -2.16
CA ALA A 177 -10.72 -3.46 -3.29
C ALA A 177 -12.16 -3.91 -3.46
N LEU A 178 -12.79 -3.24 -4.40
CA LEU A 178 -14.16 -3.48 -4.81
C LEU A 178 -14.11 -3.38 -6.33
N GLU A 179 -14.60 -4.41 -7.00
CA GLU A 179 -14.63 -4.40 -8.46
C GLU A 179 -16.08 -4.51 -8.89
N GLN A 180 -16.44 -3.78 -9.93
CA GLN A 180 -17.81 -3.82 -10.43
C GLN A 180 -17.86 -3.54 -11.93
N GLN A 181 -18.57 -4.40 -12.65
CA GLN A 181 -18.73 -4.22 -14.09
C GLN A 181 -19.67 -3.03 -14.21
N LEU A 182 -19.30 -2.06 -15.03
CA LEU A 182 -20.16 -0.88 -15.18
C LEU A 182 -21.40 -1.15 -16.01
N ASP A 183 -22.49 -0.48 -15.63
CA ASP A 183 -23.75 -0.56 -16.36
C ASP A 183 -23.41 -0.04 -17.75
N PRO A 184 -24.06 -0.58 -18.80
CA PRO A 184 -23.79 -0.14 -20.16
C PRO A 184 -23.93 1.35 -20.45
N GLN A 185 -24.75 2.06 -19.68
CA GLN A 185 -24.93 3.50 -19.90
C GLN A 185 -23.66 4.32 -19.66
N TRP A 186 -22.69 3.73 -18.95
CA TRP A 186 -21.44 4.44 -18.67
C TRP A 186 -20.46 4.43 -19.85
N ALA A 187 -20.64 3.46 -20.75
CA ALA A 187 -19.77 3.31 -21.91
C ALA A 187 -19.69 4.52 -22.84
N TYR A 188 -20.71 5.37 -22.84
CA TYR A 188 -20.72 6.55 -23.70
C TYR A 188 -20.78 7.87 -22.93
N GLN A 189 -20.23 7.87 -21.72
CA GLN A 189 -20.19 9.10 -20.91
C GLN A 189 -18.73 9.51 -20.90
N GLY A 190 -18.48 10.82 -20.87
CA GLY A 190 -17.11 11.30 -20.82
C GLY A 190 -16.67 11.25 -19.39
N LEU A 191 -15.61 10.51 -19.09
CA LEU A 191 -15.15 10.40 -17.71
C LEU A 191 -13.83 11.13 -17.45
N TYR A 192 -13.60 11.53 -16.22
CA TYR A 192 -12.35 12.20 -15.87
C TYR A 192 -11.98 12.03 -14.40
N PHE A 193 -10.68 12.05 -14.14
CA PHE A 193 -10.16 11.89 -12.79
C PHE A 193 -10.04 13.22 -12.03
N LYS A 194 -10.09 13.13 -10.71
CA LYS A 194 -9.94 14.29 -9.83
C LYS A 194 -9.21 13.80 -8.58
N ALA A 195 -8.36 14.66 -8.04
CA ALA A 195 -7.61 14.31 -6.84
C ALA A 195 -7.20 15.59 -6.11
N GLY A 196 -7.34 15.56 -4.80
CA GLY A 196 -7.00 16.71 -3.97
C GLY A 196 -7.92 16.64 -2.77
N LEU A 197 -8.45 17.78 -2.35
CA LEU A 197 -9.38 17.81 -1.22
C LEU A 197 -10.62 18.62 -1.55
N TYR A 198 -11.76 17.95 -1.50
CA TYR A 198 -13.04 18.60 -1.77
C TYR A 198 -13.83 18.40 -0.48
N LEU A 199 -14.07 19.49 0.23
CA LEU A 199 -14.79 19.39 1.49
C LEU A 199 -16.29 19.17 1.31
N GLN A 200 -16.93 18.73 2.38
CA GLN A 200 -18.36 18.50 2.39
C GLN A 200 -18.87 19.25 3.61
N ASP A 201 -18.12 20.29 3.98
CA ASP A 201 -18.45 21.16 5.12
C ASP A 201 -18.13 22.59 4.69
N ASN A 202 -18.90 23.56 5.17
CA ASN A 202 -18.65 24.94 4.78
C ASN A 202 -18.79 25.99 5.87
N ARG A 203 -18.80 25.56 7.13
CA ARG A 203 -18.91 26.53 8.22
C ARG A 203 -17.83 26.30 9.25
N GLY A 204 -17.38 27.39 9.89
CA GLY A 204 -16.35 27.28 10.89
C GLY A 204 -15.32 28.38 10.75
N PRO A 205 -14.39 28.51 11.71
CA PRO A 205 -13.36 29.54 11.66
C PRO A 205 -12.31 29.26 10.59
N SER A 206 -11.63 30.31 10.15
CA SER A 206 -10.61 30.19 9.11
C SER A 206 -9.51 29.19 9.48
N SER A 207 -9.39 28.90 10.78
CA SER A 207 -8.38 27.98 11.26
C SER A 207 -8.77 26.53 11.02
N GLU A 208 -10.03 26.33 10.66
CA GLU A 208 -10.55 24.99 10.40
C GLU A 208 -10.56 24.68 8.90
N GLY A 209 -10.32 23.41 8.57
CA GLY A 209 -10.32 22.99 7.18
C GLY A 209 -9.68 21.63 6.98
N GLY A 210 -9.49 21.26 5.72
CA GLY A 210 -8.88 19.98 5.40
C GLY A 210 -7.46 20.16 4.89
N ARG A 211 -6.59 19.23 5.23
CA ARG A 211 -5.20 19.31 4.80
C ARG A 211 -4.66 17.91 4.57
N ALA A 212 -3.90 17.76 3.48
CA ALA A 212 -3.34 16.47 3.14
C ALA A 212 -2.19 16.60 2.17
N THR A 213 -1.24 15.67 2.27
CA THR A 213 -0.09 15.66 1.37
C THR A 213 -0.07 14.34 0.60
N PHE A 214 0.00 14.44 -0.73
CA PHE A 214 0.05 13.29 -1.64
C PHE A 214 1.51 13.08 -1.98
N SER A 215 2.07 11.95 -1.58
CA SER A 215 3.46 11.65 -1.88
C SER A 215 3.54 10.98 -3.25
N GLU A 216 2.39 10.58 -3.78
CA GLU A 216 2.32 9.92 -5.08
C GLU A 216 0.99 10.24 -5.74
N LEU A 217 1.04 10.52 -7.03
N LEU A 217 1.04 10.52 -7.04
CA LEU A 217 -0.15 10.83 -7.80
CA LEU A 217 -0.16 10.81 -7.80
C LEU A 217 0.17 10.59 -9.27
C LEU A 217 0.14 10.59 -9.27
N ARG A 218 -0.30 9.45 -9.80
CA ARG A 218 -0.06 9.11 -11.19
C ARG A 218 -1.36 8.78 -11.90
N VAL A 219 -1.46 9.22 -13.15
CA VAL A 219 -2.63 8.95 -13.98
C VAL A 219 -2.13 8.27 -15.25
N SER A 220 -2.83 7.24 -15.71
CA SER A 220 -2.42 6.55 -16.92
C SER A 220 -3.57 5.98 -17.71
N HIS A 221 -3.41 6.03 -19.03
CA HIS A 221 -4.37 5.49 -19.98
C HIS A 221 -3.51 4.68 -20.94
N GLN A 222 -3.26 3.42 -20.60
CA GLN A 222 -2.44 2.54 -21.42
C GLN A 222 -3.24 1.62 -22.32
N PRO B 1 -4.08 -19.67 9.52
CA PRO B 1 -3.02 -19.22 10.44
C PRO B 1 -3.45 -18.02 11.29
N ASP B 2 -2.81 -17.87 12.46
CA ASP B 2 -3.11 -16.79 13.39
C ASP B 2 -2.34 -15.52 13.04
N LEU B 3 -3.07 -14.47 12.65
CA LEU B 3 -2.49 -13.19 12.27
C LEU B 3 -2.45 -12.16 13.41
N SER B 4 -2.75 -12.61 14.62
CA SER B 4 -2.78 -11.72 15.79
C SER B 4 -1.44 -11.09 16.14
N THR B 5 -0.34 -11.74 15.79
CA THR B 5 0.98 -11.22 16.12
C THR B 5 1.81 -10.65 14.97
N TRP B 6 1.14 -10.10 13.96
CA TRP B 6 1.86 -9.51 12.83
C TRP B 6 1.15 -8.30 12.24
N ASN B 7 1.92 -7.51 11.51
CA ASN B 7 1.38 -6.38 10.76
C ASN B 7 1.91 -6.75 9.38
N LEU B 8 1.51 -6.04 8.33
CA LEU B 8 1.97 -6.43 7.00
C LEU B 8 2.43 -5.29 6.13
N THR B 9 3.62 -5.43 5.52
CA THR B 9 4.11 -4.41 4.61
C THR B 9 3.89 -4.94 3.21
N ILE B 10 3.20 -4.15 2.40
CA ILE B 10 2.89 -4.56 1.04
C ILE B 10 3.72 -3.83 -0.02
N PRO B 11 3.65 -4.28 -1.27
CA PRO B 11 4.41 -3.63 -2.34
C PRO B 11 3.66 -2.52 -3.07
N GLN B 12 2.79 -1.81 -2.35
CA GLN B 12 2.04 -0.70 -2.94
C GLN B 12 2.17 0.54 -2.06
N GLY B 13 2.15 1.71 -2.70
CA GLY B 13 2.27 2.95 -1.95
C GLY B 13 3.69 3.47 -1.97
N ARG B 14 3.84 4.79 -2.01
CA ARG B 14 5.16 5.41 -2.04
C ARG B 14 5.30 6.40 -0.88
N PRO B 15 6.02 6.01 0.17
CA PRO B 15 6.70 4.72 0.34
C PRO B 15 5.70 3.59 0.58
N ALA B 16 6.18 2.35 0.49
CA ALA B 16 5.33 1.17 0.69
C ALA B 16 4.54 1.29 1.98
N ILE B 17 3.28 0.87 1.92
CA ILE B 17 2.40 0.94 3.08
C ILE B 17 2.56 -0.24 4.03
N THR B 18 2.34 0.02 5.32
CA THR B 18 2.39 -1.05 6.31
C THR B 18 0.98 -1.18 6.88
N ILE B 19 0.34 -2.32 6.63
N ILE B 19 0.35 -2.33 6.64
CA ILE B 19 -1.00 -2.58 7.13
CA ILE B 19 -0.99 -2.61 7.13
C ILE B 19 -0.92 -3.02 8.59
C ILE B 19 -0.90 -3.02 8.60
N SER B 20 -1.59 -2.28 9.46
CA SER B 20 -1.58 -2.57 10.90
C SER B 20 -2.17 -3.92 11.25
N THR B 21 -1.81 -4.39 12.45
CA THR B 21 -2.29 -5.67 12.95
C THR B 21 -3.81 -5.61 12.98
N SER B 22 -4.33 -4.46 13.44
CA SER B 22 -5.76 -4.27 13.53
C SER B 22 -6.43 -4.32 12.15
N GLN B 23 -5.85 -3.64 11.17
CA GLN B 23 -6.41 -3.68 9.82
C GLN B 23 -6.37 -5.10 9.28
N LEU B 24 -5.26 -5.78 9.53
CA LEU B 24 -5.08 -7.15 9.06
C LEU B 24 -6.17 -8.06 9.61
N GLN B 25 -6.56 -7.83 10.86
CA GLN B 25 -7.61 -8.62 11.52
C GLN B 25 -8.98 -8.45 10.87
N ARG B 26 -9.26 -7.25 10.39
CA ARG B 26 -10.54 -6.94 9.77
C ARG B 26 -10.67 -7.54 8.37
N ASP B 27 -10.26 -8.80 8.23
CA ASP B 27 -10.34 -9.50 6.97
C ASP B 27 -9.68 -8.77 5.80
N TYR B 28 -8.49 -8.22 6.03
CA TYR B 28 -7.78 -7.53 4.97
C TYR B 28 -7.47 -8.51 3.84
N ARG B 29 -7.86 -8.16 2.63
CA ARG B 29 -7.62 -8.99 1.47
C ARG B 29 -7.23 -8.12 0.30
N SER B 30 -6.21 -8.54 -0.45
CA SER B 30 -5.79 -7.77 -1.62
C SER B 30 -5.02 -8.71 -2.54
N ASP B 31 -4.61 -8.19 -3.70
CA ASP B 31 -3.86 -8.99 -4.65
C ASP B 31 -2.58 -9.52 -3.99
N TYR B 32 -2.03 -8.75 -3.07
CA TYR B 32 -0.77 -9.08 -2.39
C TYR B 32 -0.86 -10.03 -1.19
N PHE B 33 -2.04 -10.09 -0.57
CA PHE B 33 -2.25 -10.92 0.61
C PHE B 33 -3.68 -11.43 0.65
N GLN B 34 -3.84 -12.74 0.77
CA GLN B 34 -5.19 -13.33 0.82
C GLN B 34 -5.22 -14.54 1.74
N ARG B 35 -6.39 -14.83 2.28
CA ARG B 35 -6.54 -15.99 3.15
C ARG B 35 -7.53 -16.98 2.57
N THR B 36 -7.03 -17.90 1.75
CA THR B 36 -7.87 -18.92 1.15
C THR B 36 -8.03 -20.08 2.11
N ALA B 37 -8.70 -21.14 1.67
CA ALA B 37 -8.91 -22.31 2.51
C ALA B 37 -7.59 -23.06 2.67
N ASP B 38 -6.73 -22.93 1.66
CA ASP B 38 -5.44 -23.59 1.66
C ASP B 38 -4.40 -22.88 2.54
N GLY B 39 -4.68 -21.62 2.89
CA GLY B 39 -3.75 -20.88 3.72
C GLY B 39 -3.55 -19.45 3.25
N ILE B 40 -2.45 -18.83 3.67
CA ILE B 40 -2.16 -17.46 3.30
C ILE B 40 -1.41 -17.36 1.97
N ARG B 41 -1.97 -16.62 1.02
CA ARG B 41 -1.35 -16.45 -0.27
C ARG B 41 -0.70 -15.07 -0.43
N PHE B 42 0.57 -15.08 -0.81
CA PHE B 42 1.34 -13.84 -0.99
C PHE B 42 1.67 -13.63 -2.45
N TRP B 43 1.60 -12.37 -2.89
CA TRP B 43 1.93 -11.98 -4.25
C TRP B 43 2.72 -10.67 -4.20
N VAL B 44 3.84 -10.63 -4.91
CA VAL B 44 4.68 -9.45 -4.94
C VAL B 44 5.09 -9.12 -6.37
N PRO B 45 4.51 -8.07 -6.96
CA PRO B 45 4.92 -7.73 -8.33
C PRO B 45 6.37 -7.26 -8.26
N VAL B 46 7.18 -7.62 -9.25
CA VAL B 46 8.57 -7.22 -9.24
C VAL B 46 8.73 -5.70 -9.34
N ASN B 47 7.74 -5.03 -9.92
CA ASN B 47 7.80 -3.58 -10.06
C ASN B 47 7.09 -2.86 -8.91
N GLY B 48 6.81 -3.60 -7.84
CA GLY B 48 6.14 -3.01 -6.69
C GLY B 48 7.01 -1.99 -5.97
N SER B 49 6.42 -1.22 -5.07
CA SER B 49 7.19 -0.21 -4.35
C SER B 49 8.04 -0.83 -3.26
N HIS B 50 9.07 -0.11 -2.83
CA HIS B 50 9.96 -0.61 -1.78
C HIS B 50 9.81 0.19 -0.51
N THR B 51 10.25 -0.38 0.59
CA THR B 51 10.20 0.32 1.86
C THR B 51 11.34 1.34 1.82
N ARG B 52 11.35 2.24 2.79
CA ARG B 52 12.34 3.30 2.90
C ARG B 52 13.78 2.86 2.60
N ASN B 53 14.27 1.90 3.36
CA ASN B 53 15.65 1.43 3.21
C ASN B 53 15.86 0.19 2.34
N SER B 54 15.00 -0.05 1.35
CA SER B 54 15.19 -1.22 0.51
C SER B 54 15.06 -0.90 -0.97
N GLU B 55 15.61 -1.78 -1.79
CA GLU B 55 15.54 -1.61 -3.23
C GLU B 55 14.60 -2.65 -3.82
N PHE B 56 14.00 -3.46 -2.97
CA PHE B 56 13.10 -4.51 -3.43
C PHE B 56 11.73 -4.48 -2.79
N PRO B 57 10.68 -4.84 -3.55
CA PRO B 57 9.31 -4.86 -3.06
C PRO B 57 9.07 -6.09 -2.17
N ARG B 58 8.04 -6.01 -1.33
CA ARG B 58 7.73 -7.13 -0.47
C ARG B 58 6.26 -7.16 -0.08
N SER B 59 5.84 -8.33 0.37
CA SER B 59 4.50 -8.59 0.87
C SER B 59 4.94 -9.50 2.02
N GLU B 60 5.34 -8.87 3.11
CA GLU B 60 5.92 -9.58 4.25
C GLU B 60 5.39 -9.20 5.62
N LEU B 61 5.13 -10.22 6.43
CA LEU B 61 4.63 -10.01 7.79
C LEU B 61 5.78 -9.72 8.76
N ARG B 62 5.53 -8.82 9.71
CA ARG B 62 6.51 -8.47 10.72
C ARG B 62 5.86 -8.71 12.09
N GLU B 63 6.62 -9.31 13.00
CA GLU B 63 6.12 -9.62 14.33
C GLU B 63 5.73 -8.39 15.16
N THR B 64 4.55 -8.46 15.76
CA THR B 64 4.02 -7.38 16.59
C THR B 64 3.35 -7.99 17.81
N LEU B 65 3.07 -7.16 18.81
CA LEU B 65 2.37 -7.63 19.99
C LEU B 65 0.90 -7.68 19.60
N SER B 66 0.09 -8.35 20.40
CA SER B 66 -1.33 -8.46 20.10
C SER B 66 -1.99 -7.08 19.97
N SER B 67 -1.21 -6.03 20.20
CA SER B 67 -1.71 -4.67 20.13
C SER B 67 -1.48 -4.06 18.74
N GLY B 68 -0.31 -4.34 18.17
CA GLY B 68 0.01 -3.81 16.86
C GLY B 68 1.41 -3.21 16.88
N ARG B 69 1.90 -2.98 18.08
CA ARG B 69 3.23 -2.42 18.26
C ARG B 69 4.28 -3.45 17.88
N PRO B 70 5.34 -3.02 17.18
CA PRO B 70 6.40 -3.96 16.78
C PRO B 70 7.06 -4.62 17.98
N TYR B 71 7.26 -5.94 17.88
CA TYR B 71 7.88 -6.69 18.96
C TYR B 71 9.32 -7.07 18.67
N ASN B 72 10.23 -6.54 19.48
CA ASN B 72 11.65 -6.82 19.35
C ASN B 72 12.12 -7.44 20.66
N TRP B 73 12.42 -8.73 20.61
CA TRP B 73 12.83 -9.50 21.77
C TRP B 73 14.30 -9.84 21.89
N ARG B 74 14.70 -10.14 23.12
CA ARG B 74 16.07 -10.55 23.46
C ARG B 74 15.96 -12.07 23.49
N TYR B 75 16.83 -12.76 22.77
CA TYR B 75 16.76 -14.21 22.71
C TYR B 75 16.82 -14.94 24.06
N ALA B 76 17.48 -14.34 25.05
CA ALA B 76 17.62 -14.96 26.37
C ALA B 76 16.28 -15.03 27.09
N ARG B 77 15.39 -14.10 26.75
CA ARG B 77 14.07 -14.01 27.37
C ARG B 77 13.25 -15.28 27.29
N ALA B 78 13.57 -16.16 26.34
CA ALA B 78 12.83 -17.42 26.17
C ALA B 78 13.25 -18.18 24.92
N ASP B 79 12.59 -19.30 24.66
CA ASP B 79 12.86 -20.10 23.47
C ASP B 79 11.99 -19.51 22.37
N ASN B 80 12.64 -18.93 21.36
CA ASN B 80 11.96 -18.27 20.26
C ASN B 80 11.86 -19.14 19.00
N TRP B 81 10.64 -19.38 18.53
CA TRP B 81 10.40 -20.20 17.34
C TRP B 81 9.42 -19.69 16.31
N LEU B 82 9.74 -19.98 15.04
N LEU B 82 9.74 -19.98 15.04
CA LEU B 82 8.90 -19.62 13.90
CA LEU B 82 8.91 -19.61 13.89
C LEU B 82 8.87 -20.86 13.03
C LEU B 82 8.87 -20.85 13.01
N GLU B 83 7.67 -21.34 12.72
CA GLU B 83 7.52 -22.52 11.90
C GLU B 83 6.48 -22.29 10.81
N ALA B 84 6.71 -22.90 9.66
CA ALA B 84 5.81 -22.73 8.54
C ALA B 84 5.87 -23.87 7.54
N THR B 85 4.82 -23.94 6.73
CA THR B 85 4.69 -24.92 5.65
C THR B 85 4.23 -24.05 4.50
N LEU B 86 4.87 -24.22 3.35
CA LEU B 86 4.50 -23.41 2.19
C LEU B 86 4.99 -24.03 0.90
N ARG B 87 4.55 -23.43 -0.19
CA ARG B 87 4.96 -23.84 -1.51
C ARG B 87 5.13 -22.57 -2.35
N ILE B 88 6.15 -22.57 -3.19
CA ILE B 88 6.44 -21.44 -4.05
C ILE B 88 5.67 -21.64 -5.36
N GLU B 89 4.89 -20.65 -5.76
CA GLU B 89 4.12 -20.76 -6.97
C GLU B 89 4.68 -19.96 -8.13
N ALA B 90 5.57 -19.03 -7.82
CA ALA B 90 6.20 -18.22 -8.86
C ALA B 90 7.35 -17.39 -8.30
N VAL B 91 8.35 -17.16 -9.14
CA VAL B 91 9.52 -16.37 -8.78
C VAL B 91 9.83 -15.37 -9.89
N PRO B 92 10.60 -14.32 -9.57
CA PRO B 92 10.99 -13.28 -10.55
C PRO B 92 12.14 -13.78 -11.42
N SER B 93 12.63 -12.91 -12.31
CA SER B 93 13.74 -13.28 -13.20
C SER B 93 14.98 -13.65 -12.41
N THR B 94 15.16 -13.00 -11.26
CA THR B 94 16.30 -13.26 -10.40
C THR B 94 16.28 -14.68 -9.82
N ARG B 95 15.09 -15.29 -9.80
CA ARG B 95 14.93 -16.64 -9.28
C ARG B 95 15.28 -16.71 -7.79
N ARG B 96 15.18 -15.57 -7.10
CA ARG B 96 15.50 -15.49 -5.67
C ARG B 96 14.49 -14.70 -4.83
N MET B 97 14.08 -15.26 -3.70
CA MET B 97 13.14 -14.61 -2.80
C MET B 97 13.41 -15.02 -1.36
N ILE B 98 13.19 -14.08 -0.44
CA ILE B 98 13.36 -14.35 0.99
C ILE B 98 11.97 -14.74 1.50
N ILE B 99 11.87 -15.86 2.21
CA ILE B 99 10.59 -16.35 2.67
C ILE B 99 10.41 -16.34 4.19
N GLY B 100 11.44 -15.90 4.90
CA GLY B 100 11.37 -15.83 6.35
C GLY B 100 12.66 -15.24 6.88
N GLN B 101 12.60 -14.60 8.04
CA GLN B 101 13.79 -14.01 8.62
C GLN B 101 13.68 -13.83 10.12
N ILE B 102 14.83 -13.59 10.74
CA ILE B 102 14.96 -13.26 12.15
C ILE B 102 15.74 -11.97 11.96
N HIS B 103 15.06 -10.84 12.11
CA HIS B 103 15.70 -9.56 11.92
C HIS B 103 16.15 -8.93 13.24
N SER B 104 16.95 -7.88 13.14
CA SER B 104 17.47 -7.18 14.31
C SER B 104 17.07 -5.71 14.27
N ASP B 105 16.73 -5.16 15.42
CA ASP B 105 16.34 -3.75 15.49
C ASP B 105 17.57 -2.87 15.53
N GLY B 106 18.75 -3.48 15.65
CA GLY B 106 19.99 -2.73 15.71
C GLY B 106 20.10 -1.86 16.96
N SER B 107 19.37 -2.23 18.00
CA SER B 107 19.35 -1.51 19.26
C SER B 107 20.74 -1.29 19.86
N ASN B 108 21.62 -2.28 19.67
CA ASN B 108 22.97 -2.18 20.20
C ASN B 108 24.00 -2.52 19.14
N SER B 109 23.88 -1.86 17.99
CA SER B 109 24.78 -2.07 16.88
C SER B 109 24.64 -0.91 15.91
N GLY B 110 25.70 -0.65 15.14
CA GLY B 110 25.67 0.45 14.19
C GLY B 110 24.70 0.24 13.04
N GLN B 111 24.35 -1.02 12.79
CA GLN B 111 23.42 -1.34 11.72
C GLN B 111 22.31 -2.27 12.21
N ALA B 112 21.19 -2.25 11.51
CA ALA B 112 20.06 -3.11 11.86
C ALA B 112 19.88 -4.08 10.72
N ALA B 113 20.71 -5.11 10.71
CA ALA B 113 20.68 -6.14 9.67
C ALA B 113 20.10 -7.42 10.26
N PRO B 114 19.56 -8.30 9.41
CA PRO B 114 18.97 -9.55 9.90
C PRO B 114 19.99 -10.60 10.31
N LEU B 115 19.65 -11.34 11.38
CA LEU B 115 20.50 -12.41 11.88
C LEU B 115 20.52 -13.52 10.84
N VAL B 116 19.33 -13.87 10.35
N VAL B 116 19.34 -13.87 10.34
CA VAL B 116 19.21 -14.92 9.34
CA VAL B 116 19.21 -14.92 9.34
C VAL B 116 18.11 -14.61 8.33
C VAL B 116 18.11 -14.63 8.33
N LYS B 117 18.38 -14.96 7.08
CA LYS B 117 17.42 -14.76 6.00
C LYS B 117 17.23 -16.10 5.33
N LEU B 118 16.00 -16.58 5.29
CA LEU B 118 15.70 -17.85 4.65
C LEU B 118 15.43 -17.50 3.20
N LEU B 119 16.27 -18.03 2.31
CA LEU B 119 16.16 -17.75 0.88
C LEU B 119 15.80 -18.93 -0.01
N TYR B 120 14.83 -18.73 -0.89
CA TYR B 120 14.43 -19.78 -1.84
C TYR B 120 14.99 -19.36 -3.19
N GLN B 121 15.69 -20.27 -3.85
CA GLN B 121 16.28 -19.99 -5.15
C GLN B 121 15.99 -21.12 -6.13
N LEU B 122 15.55 -20.74 -7.33
CA LEU B 122 15.22 -21.73 -8.36
C LEU B 122 16.23 -21.69 -9.51
N ARG B 123 17.05 -22.73 -9.60
CA ARG B 123 18.05 -22.84 -10.67
C ARG B 123 17.41 -23.78 -11.70
N LEU B 124 16.99 -23.22 -12.82
CA LEU B 124 16.29 -23.98 -13.85
C LEU B 124 15.04 -24.46 -13.11
N ASP B 125 14.79 -25.77 -13.04
CA ASP B 125 13.61 -26.22 -12.32
C ASP B 125 13.97 -26.78 -10.94
N GLN B 126 15.23 -26.63 -10.57
CA GLN B 126 15.78 -27.12 -9.28
C GLN B 126 15.72 -26.04 -8.19
N GLY B 127 14.82 -26.24 -7.22
CA GLY B 127 14.67 -25.28 -6.13
C GLY B 127 15.46 -25.66 -4.87
N ARG B 128 16.04 -24.66 -4.22
N ARG B 128 16.05 -24.65 -4.24
CA ARG B 128 16.80 -24.89 -3.01
CA ARG B 128 16.85 -24.83 -3.04
C ARG B 128 16.49 -23.81 -2.00
C ARG B 128 16.51 -23.77 -2.00
N VAL B 129 16.73 -24.11 -0.73
CA VAL B 129 16.48 -23.17 0.36
C VAL B 129 17.76 -23.04 1.17
N GLN B 130 18.28 -21.82 1.26
CA GLN B 130 19.50 -21.58 2.01
C GLN B 130 19.21 -20.66 3.18
N ALA B 131 20.06 -20.76 4.20
CA ALA B 131 19.95 -19.90 5.36
C ALA B 131 21.18 -18.99 5.30
N LEU B 132 20.95 -17.69 5.11
CA LEU B 132 22.05 -16.74 5.06
C LEU B 132 22.20 -16.19 6.46
N VAL B 133 23.22 -16.67 7.16
CA VAL B 133 23.48 -16.26 8.53
C VAL B 133 24.56 -15.21 8.66
N ARG B 134 24.29 -14.22 9.50
CA ARG B 134 25.22 -13.13 9.76
C ARG B 134 25.88 -13.45 11.11
N GLU B 135 27.18 -13.75 11.06
CA GLU B 135 27.95 -14.09 12.25
C GLU B 135 27.85 -13.05 13.35
N ARG B 136 28.11 -11.79 12.99
CA ARG B 136 28.06 -10.70 13.94
C ARG B 136 27.18 -9.55 13.44
N PRO B 137 26.43 -8.91 14.35
CA PRO B 137 25.55 -7.79 13.99
C PRO B 137 26.24 -6.76 13.09
N ASP B 138 27.54 -6.59 13.30
CA ASP B 138 28.36 -5.63 12.56
C ASP B 138 28.77 -6.06 11.16
N ASP B 139 28.80 -7.37 10.91
CA ASP B 139 29.21 -7.89 9.61
C ASP B 139 28.37 -7.39 8.44
N GLY B 140 29.04 -7.02 7.36
CA GLY B 140 28.33 -6.54 6.18
C GLY B 140 27.94 -7.71 5.31
N GLY B 141 28.55 -8.86 5.57
CA GLY B 141 28.25 -10.04 4.79
C GLY B 141 27.70 -11.18 5.64
N THR B 142 27.31 -12.26 4.99
CA THR B 142 26.77 -13.42 5.70
C THR B 142 27.37 -14.69 5.11
N ARG B 143 27.01 -15.82 5.71
CA ARG B 143 27.47 -17.13 5.24
C ARG B 143 26.25 -17.93 4.81
N ALA B 144 26.27 -18.43 3.58
CA ALA B 144 25.15 -19.20 3.05
C ALA B 144 25.25 -20.70 3.35
N TYR B 145 24.17 -21.27 3.86
CA TYR B 145 24.10 -22.69 4.15
C TYR B 145 22.88 -23.27 3.46
N THR B 146 23.07 -24.34 2.69
CA THR B 146 21.95 -24.97 2.00
C THR B 146 21.32 -25.97 2.95
N LEU B 147 20.04 -25.79 3.23
CA LEU B 147 19.33 -26.68 4.15
C LEU B 147 18.58 -27.78 3.42
N MET B 148 18.19 -27.51 2.18
CA MET B 148 17.44 -28.47 1.40
C MET B 148 17.43 -28.10 -0.06
N ASP B 149 17.52 -29.11 -0.94
CA ASP B 149 17.50 -28.92 -2.39
C ASP B 149 16.38 -29.77 -2.97
N GLY B 150 16.18 -29.66 -4.28
CA GLY B 150 15.16 -30.43 -4.96
C GLY B 150 13.73 -30.06 -4.64
N ILE B 151 13.48 -28.76 -4.45
CA ILE B 151 12.15 -28.27 -4.14
C ILE B 151 11.64 -27.49 -5.35
N PRO B 152 10.87 -28.16 -6.23
CA PRO B 152 10.34 -27.50 -7.43
C PRO B 152 9.18 -26.57 -7.10
N LEU B 153 8.77 -25.75 -8.07
CA LEU B 153 7.65 -24.87 -7.87
C LEU B 153 6.46 -25.78 -7.61
N GLY B 154 5.61 -25.39 -6.67
CA GLY B 154 4.43 -26.17 -6.36
C GLY B 154 4.62 -27.25 -5.30
N GLN B 155 5.85 -27.59 -4.98
CA GLN B 155 6.13 -28.62 -3.97
C GLN B 155 6.15 -28.03 -2.57
N PRO B 156 5.26 -28.52 -1.69
CA PRO B 156 5.26 -27.97 -0.34
C PRO B 156 6.51 -28.38 0.44
N PHE B 157 6.87 -27.57 1.43
CA PHE B 157 8.02 -27.85 2.28
C PHE B 157 7.79 -27.06 3.55
N SER B 158 8.44 -27.46 4.64
CA SER B 158 8.31 -26.78 5.90
C SER B 158 9.63 -26.16 6.34
N TYR B 159 9.57 -25.14 7.17
CA TYR B 159 10.79 -24.54 7.69
C TYR B 159 10.57 -24.12 9.13
N ARG B 160 11.67 -24.05 9.87
CA ARG B 160 11.63 -23.65 11.26
C ARG B 160 12.90 -22.89 11.57
N ILE B 161 12.74 -21.72 12.16
CA ILE B 161 13.87 -20.90 12.53
C ILE B 161 13.65 -20.34 13.92
N GLY B 162 14.70 -20.37 14.74
CA GLY B 162 14.58 -19.86 16.08
C GLY B 162 15.90 -19.82 16.83
N VAL B 163 15.86 -19.22 18.01
CA VAL B 163 17.04 -19.10 18.87
C VAL B 163 16.64 -19.52 20.28
N SER B 164 17.30 -20.56 20.79
CA SER B 164 17.00 -21.06 22.12
C SER B 164 17.27 -20.01 23.19
N ARG B 165 16.79 -20.30 24.40
CA ARG B 165 16.96 -19.41 25.53
C ARG B 165 18.47 -19.23 25.82
N SER B 166 19.27 -20.20 25.35
CA SER B 166 20.72 -20.17 25.57
C SER B 166 21.53 -19.55 24.44
N GLY B 167 20.87 -19.11 23.38
CA GLY B 167 21.57 -18.50 22.26
C GLY B 167 21.94 -19.48 21.16
N LEU B 168 21.24 -20.60 21.10
CA LEU B 168 21.52 -21.59 20.07
C LEU B 168 20.57 -21.34 18.90
N LEU B 169 21.15 -20.97 17.76
CA LEU B 169 20.37 -20.73 16.56
C LEU B 169 20.09 -22.05 15.86
N SER B 170 18.83 -22.24 15.48
CA SER B 170 18.42 -23.44 14.77
C SER B 170 17.61 -23.01 13.56
N VAL B 171 18.04 -23.45 12.39
CA VAL B 171 17.36 -23.14 11.14
C VAL B 171 17.20 -24.46 10.42
N SER B 172 16.01 -24.76 9.94
CA SER B 172 15.78 -26.02 9.26
C SER B 172 14.71 -25.97 8.18
N VAL B 173 14.81 -26.90 7.24
CA VAL B 173 13.85 -27.03 6.15
C VAL B 173 13.53 -28.51 6.04
N ASN B 174 12.25 -28.85 6.16
CA ASN B 174 11.81 -30.23 6.08
C ASN B 174 12.51 -31.09 7.13
N GLY B 175 12.95 -30.46 8.21
CA GLY B 175 13.63 -31.20 9.25
C GLY B 175 15.15 -31.15 9.18
N SER B 176 15.70 -30.89 8.00
CA SER B 176 17.14 -30.81 7.82
C SER B 176 17.58 -29.52 8.48
N ALA B 177 18.36 -29.62 9.57
CA ALA B 177 18.74 -28.43 10.32
C ALA B 177 20.22 -28.05 10.43
N LEU B 178 20.42 -26.78 10.77
CA LEU B 178 21.73 -26.19 10.99
C LEU B 178 21.65 -25.57 12.37
N GLU B 179 22.61 -25.88 13.23
CA GLU B 179 22.63 -25.33 14.58
C GLU B 179 23.94 -24.61 14.81
N GLN B 180 23.84 -23.38 15.29
CA GLN B 180 25.02 -22.56 15.53
C GLN B 180 24.85 -21.78 16.82
N GLN B 181 25.88 -21.78 17.66
CA GLN B 181 25.84 -21.04 18.91
C GLN B 181 26.11 -19.59 18.53
N LEU B 182 25.12 -18.72 18.77
CA LEU B 182 25.24 -17.32 18.41
C LEU B 182 26.37 -16.54 19.10
N ASP B 183 26.99 -15.65 18.32
CA ASP B 183 28.06 -14.82 18.85
C ASP B 183 27.43 -14.06 20.01
N PRO B 184 28.14 -13.96 21.14
CA PRO B 184 27.67 -13.28 22.35
C PRO B 184 26.99 -11.92 22.13
N GLN B 185 27.47 -11.16 21.15
CA GLN B 185 26.89 -9.85 20.88
C GLN B 185 25.40 -9.90 20.53
N TRP B 186 24.98 -10.90 19.77
CA TRP B 186 23.59 -11.02 19.37
C TRP B 186 22.64 -10.96 20.56
N ALA B 187 23.15 -11.26 21.74
CA ALA B 187 22.34 -11.24 22.95
C ALA B 187 21.95 -9.82 23.32
N TYR B 188 22.54 -8.85 22.62
CA TYR B 188 22.29 -7.43 22.88
C TYR B 188 21.47 -6.73 21.81
N GLN B 189 20.91 -7.50 20.88
CA GLN B 189 20.09 -6.92 19.84
C GLN B 189 18.63 -7.34 20.01
N GLY B 190 17.72 -6.47 19.59
CA GLY B 190 16.31 -6.79 19.67
C GLY B 190 15.99 -7.56 18.40
N LEU B 191 15.56 -8.81 18.55
CA LEU B 191 15.24 -9.64 17.39
C LEU B 191 13.76 -9.75 17.12
N TYR B 192 13.41 -9.94 15.86
CA TYR B 192 12.00 -10.10 15.48
C TYR B 192 11.84 -10.96 14.24
N PHE B 193 10.74 -11.69 14.20
CA PHE B 193 10.43 -12.58 13.08
C PHE B 193 9.74 -11.87 11.92
N LYS B 194 9.95 -12.41 10.73
CA LYS B 194 9.31 -11.91 9.52
C LYS B 194 9.05 -13.14 8.64
N ALA B 195 7.94 -13.12 7.92
CA ALA B 195 7.56 -14.23 7.06
C ALA B 195 6.69 -13.74 5.91
N GLY B 196 6.90 -14.32 4.74
CA GLY B 196 6.14 -13.92 3.57
C GLY B 196 7.05 -13.94 2.37
N LEU B 197 7.00 -12.88 1.56
CA LEU B 197 7.84 -12.79 0.38
C LEU B 197 8.51 -11.44 0.26
N TYR B 198 9.84 -11.45 0.24
CA TYR B 198 10.64 -10.25 0.09
C TYR B 198 11.54 -10.54 -1.12
N LEU B 199 11.25 -9.89 -2.23
CA LEU B 199 12.01 -10.09 -3.45
C LEU B 199 13.46 -9.60 -3.42
N GLN B 200 14.23 -10.11 -4.36
CA GLN B 200 15.63 -9.73 -4.53
C GLN B 200 15.79 -9.42 -6.01
N ASP B 201 14.82 -8.66 -6.52
CA ASP B 201 14.77 -8.24 -7.90
C ASP B 201 13.74 -7.11 -7.94
N ASN B 202 13.93 -6.15 -8.83
CA ASN B 202 13.00 -5.03 -8.92
C ASN B 202 12.77 -4.58 -10.36
N ARG B 203 13.15 -5.42 -11.31
CA ARG B 203 12.98 -5.13 -12.73
C ARG B 203 12.12 -6.21 -13.36
N GLY B 204 11.54 -5.92 -14.52
CA GLY B 204 10.72 -6.90 -15.19
C GLY B 204 9.32 -6.45 -15.52
N PRO B 205 8.60 -7.18 -16.38
CA PRO B 205 7.23 -6.86 -16.78
C PRO B 205 6.29 -6.68 -15.58
N SER B 206 5.02 -6.44 -15.86
CA SER B 206 4.03 -6.24 -14.80
C SER B 206 3.56 -7.56 -14.20
N SER B 207 3.36 -8.56 -15.05
CA SER B 207 2.90 -9.87 -14.60
C SER B 207 3.97 -10.66 -13.84
N GLU B 208 5.20 -10.15 -13.84
CA GLU B 208 6.28 -10.83 -13.16
C GLU B 208 6.38 -10.52 -11.67
N GLY B 209 6.69 -11.54 -10.88
CA GLY B 209 6.82 -11.36 -9.45
C GLY B 209 6.96 -12.68 -8.71
N GLY B 210 6.74 -12.64 -7.41
CA GLY B 210 6.84 -13.84 -6.60
C GLY B 210 5.49 -14.20 -6.01
N ARG B 211 5.22 -15.50 -5.91
CA ARG B 211 3.97 -15.99 -5.36
C ARG B 211 4.26 -17.19 -4.46
N ALA B 212 3.50 -17.30 -3.38
CA ALA B 212 3.68 -18.40 -2.46
C ALA B 212 2.45 -18.52 -1.58
N THR B 213 2.15 -19.76 -1.17
CA THR B 213 1.02 -20.03 -0.30
C THR B 213 1.50 -20.75 0.94
N PHE B 214 1.27 -20.13 2.10
CA PHE B 214 1.67 -20.69 3.39
C PHE B 214 0.47 -21.43 3.98
N SER B 215 0.59 -22.74 4.17
CA SER B 215 -0.51 -23.51 4.74
C SER B 215 -0.40 -23.52 6.27
N GLU B 216 0.77 -23.10 6.76
CA GLU B 216 1.01 -23.03 8.20
C GLU B 216 2.00 -21.92 8.48
N LEU B 217 1.84 -21.26 9.62
CA LEU B 217 2.73 -20.18 10.04
C LEU B 217 2.44 -19.99 11.52
N ARG B 218 3.45 -20.16 12.37
CA ARG B 218 3.27 -20.02 13.81
C ARG B 218 4.51 -19.51 14.53
N VAL B 219 4.30 -18.60 15.48
CA VAL B 219 5.40 -18.05 16.26
C VAL B 219 5.14 -18.35 17.74
N SER B 220 6.21 -18.58 18.48
CA SER B 220 6.08 -18.87 19.90
C SER B 220 7.31 -18.44 20.66
N HIS B 221 7.07 -17.88 21.84
CA HIS B 221 8.14 -17.43 22.71
C HIS B 221 7.91 -18.05 24.08
N GLN B 222 8.50 -19.22 24.28
CA GLN B 222 8.36 -19.95 25.54
C GLN B 222 9.65 -19.86 26.35
#